data_5U5Z
#
_entry.id   5U5Z
#
_cell.length_a   51.251
_cell.length_b   73.239
_cell.length_c   104.829
_cell.angle_alpha   90.000
_cell.angle_beta   90.000
_cell.angle_gamma   90.000
#
_symmetry.space_group_name_H-M   'P 21 21 21'
#
loop_
_entity.id
_entity.type
_entity.pdbx_description
1 polymer Peroxidase
2 non-polymer 'PROTOPORPHYRIN IX CONTAINING FE'
3 non-polymer 4-methyl-2-phenyl-1H-imidazole
4 water water
#
_entity_poly.entity_id   1
_entity_poly.type   'polypeptide(L)'
_entity_poly.pdbx_seq_one_letter_code
;LVHVASVEKGRSYEDFQKVYNAIALKLREDDEYDNYIGYGPVLVRLAWHISGTWDKHDNTGGSYGGTYRFKKEFNDPSNA
GLQNGFKFLEPIHKEFPWISSGDLFSLGGVTAVQEMQGPKIPWRCGRVDTPEDTTPDNGRLPDADKDAGYVRTFFQRLNM
NDREVVALMGAHALGKTHLKNSGYEGGGANNVFTNEFYLNLLNEDWKLEKNDANNEQWDSKSGYMMLPTDYSLIQDPKYL
SIVKEYANDQDKFFKDFSKAFEKLLENGITFPKDAPSPFIFKTLEEQGL
;
_entity_poly.pdbx_strand_id   A
#
# COMPACT_ATOMS: atom_id res chain seq x y z
N LEU A 1 -14.73 19.33 7.76
CA LEU A 1 -13.91 18.46 8.64
C LEU A 1 -12.40 18.53 8.40
N VAL A 2 -11.69 19.08 9.37
CA VAL A 2 -10.28 19.38 9.25
C VAL A 2 -9.45 18.55 10.23
N HIS A 3 -8.41 17.89 9.70
CA HIS A 3 -7.49 17.14 10.53
C HIS A 3 -6.11 17.77 10.44
N VAL A 4 -5.70 18.46 11.49
CA VAL A 4 -4.42 19.16 11.49
C VAL A 4 -3.32 18.27 12.05
N ALA A 5 -2.25 18.07 11.27
CA ALA A 5 -1.08 17.31 11.75
C ALA A 5 -0.50 17.94 13.01
N SER A 6 -0.23 17.12 14.03
CA SER A 6 0.33 17.59 15.28
C SER A 6 1.48 16.67 15.64
N VAL A 7 2.70 17.20 15.57
CA VAL A 7 3.89 16.41 15.83
C VAL A 7 3.84 15.84 17.24
N GLU A 8 4.10 14.54 17.37
CA GLU A 8 4.20 13.89 18.69
C GLU A 8 5.16 14.70 19.53
N LYS A 9 4.79 15.04 20.77
CA LYS A 9 5.50 16.04 21.50
C LYS A 9 6.98 15.72 21.67
N GLY A 10 7.81 16.67 21.21
CA GLY A 10 9.26 16.64 21.39
C GLY A 10 10.01 15.76 20.39
N ARG A 11 9.32 15.24 19.39
CA ARG A 11 9.94 14.28 18.49
C ARG A 11 10.48 14.94 17.21
N SER A 12 11.53 14.36 16.66
CA SER A 12 12.12 14.87 15.44
C SER A 12 12.60 13.70 14.61
N TYR A 13 13.29 14.01 13.53
CA TYR A 13 13.72 13.01 12.56
C TYR A 13 14.32 11.77 13.19
N GLU A 14 15.29 11.95 14.09
CA GLU A 14 16.00 10.80 14.61
C GLU A 14 15.07 9.88 15.41
N ASP A 15 14.06 10.42 16.09
CA ASP A 15 13.08 9.55 16.76
C ASP A 15 12.38 8.64 15.76
N PHE A 16 11.93 9.20 14.64
CA PHE A 16 11.26 8.42 13.66
C PHE A 16 12.19 7.46 12.93
N GLN A 17 13.45 7.84 12.72
CA GLN A 17 14.42 6.92 12.13
C GLN A 17 14.59 5.71 13.01
N LYS A 18 14.50 5.88 14.33
CA LYS A 18 14.57 4.74 15.24
C LYS A 18 13.39 3.79 15.07
N VAL A 19 12.20 4.31 14.83
CA VAL A 19 11.03 3.47 14.59
C VAL A 19 11.17 2.75 13.26
N TYR A 20 11.56 3.48 12.22
CA TYR A 20 11.88 2.89 10.93
C TYR A 20 12.85 1.71 11.12
N ASN A 21 13.91 1.93 11.86
CA ASN A 21 14.95 0.92 11.99
C ASN A 21 14.43 -0.30 12.71
N ALA A 22 13.58 -0.10 13.71
CA ALA A 22 12.99 -1.22 14.41
C ALA A 22 12.08 -2.06 13.50
N ILE A 23 11.29 -1.38 12.68
CA ILE A 23 10.44 -2.08 11.70
C ILE A 23 11.33 -2.85 10.73
N ALA A 24 12.35 -2.17 10.20
CA ALA A 24 13.25 -2.78 9.21
C ALA A 24 14.02 -3.99 9.77
N LEU A 25 14.46 -3.91 11.02
CA LEU A 25 15.14 -5.04 11.65
C LEU A 25 14.20 -6.21 11.86
N LYS A 26 12.96 -5.94 12.20
CA LYS A 26 11.98 -7.01 12.37
C LYS A 26 11.61 -7.63 11.03
N LEU A 27 11.56 -6.81 9.97
CA LEU A 27 11.32 -7.34 8.63
C LEU A 27 12.40 -8.34 8.27
N ARG A 28 13.64 -8.02 8.63
CA ARG A 28 14.76 -8.90 8.37
C ARG A 28 14.69 -10.17 9.24
N GLU A 29 14.28 -10.01 10.50
CA GLU A 29 14.29 -11.12 11.45
C GLU A 29 13.18 -12.15 11.21
N ASP A 30 11.95 -11.68 11.04
CA ASP A 30 10.78 -12.54 10.84
C ASP A 30 10.58 -12.90 9.36
N ASP A 31 11.56 -13.62 8.83
CA ASP A 31 11.66 -13.84 7.40
C ASP A 31 10.79 -14.98 6.89
N GLU A 32 10.25 -15.80 7.79
CA GLU A 32 9.57 -17.02 7.41
C GLU A 32 8.10 -16.80 6.97
N TYR A 33 7.53 -15.66 7.37
CA TYR A 33 6.14 -15.38 7.15
C TYR A 33 5.75 -15.58 5.69
N ASP A 34 4.62 -16.25 5.48
CA ASP A 34 3.97 -16.37 4.18
C ASP A 34 4.94 -17.09 3.22
N ASN A 35 5.40 -18.27 3.65
N ASN A 35 5.41 -18.25 3.65
CA ASN A 35 6.38 -19.06 2.90
CA ASN A 35 6.34 -19.06 2.87
C ASN A 35 7.55 -18.22 2.44
C ASN A 35 7.55 -18.24 2.44
N TYR A 36 8.12 -17.51 3.39
CA TYR A 36 9.37 -16.78 3.21
C TYR A 36 9.29 -15.53 2.34
N ILE A 37 8.09 -15.02 2.11
CA ILE A 37 7.94 -13.69 1.54
C ILE A 37 8.36 -12.66 2.56
N GLY A 38 8.10 -12.90 3.84
CA GLY A 38 8.29 -11.87 4.85
C GLY A 38 7.10 -10.91 4.88
N TYR A 39 7.15 -9.96 5.82
CA TYR A 39 6.03 -9.08 6.10
C TYR A 39 5.98 -7.81 5.25
N GLY A 40 6.93 -7.62 4.34
CA GLY A 40 6.96 -6.37 3.58
C GLY A 40 5.69 -6.11 2.82
N PRO A 41 5.26 -7.07 1.99
CA PRO A 41 4.06 -6.80 1.19
C PRO A 41 2.81 -6.53 2.02
N VAL A 42 2.57 -7.29 3.10
CA VAL A 42 1.36 -7.09 3.85
C VAL A 42 1.39 -5.72 4.56
N LEU A 43 2.58 -5.23 4.92
CA LEU A 43 2.67 -3.89 5.50
C LEU A 43 2.38 -2.80 4.49
N VAL A 44 2.76 -3.00 3.24
CA VAL A 44 2.39 -2.05 2.19
C VAL A 44 0.87 -2.03 2.01
N ARG A 45 0.26 -3.21 1.93
N ARG A 45 0.27 -3.23 1.95
CA ARG A 45 -1.17 -3.28 1.76
CA ARG A 45 -1.18 -3.38 1.78
C ARG A 45 -1.88 -2.64 2.96
C ARG A 45 -1.91 -2.73 2.95
N LEU A 46 -1.36 -2.86 4.16
CA LEU A 46 -1.98 -2.27 5.35
C LEU A 46 -1.97 -0.73 5.26
N ALA A 47 -0.83 -0.18 4.87
CA ALA A 47 -0.70 1.28 4.77
C ALA A 47 -1.70 1.79 3.71
N TRP A 48 -1.87 1.07 2.61
CA TRP A 48 -2.84 1.45 1.61
C TRP A 48 -4.28 1.31 2.10
N HIS A 49 -4.62 0.22 2.78
CA HIS A 49 -6.00 0.06 3.24
C HIS A 49 -6.42 1.04 4.34
N ILE A 50 -5.50 1.45 5.20
CA ILE A 50 -5.84 2.47 6.18
C ILE A 50 -6.01 3.84 5.56
N SER A 51 -5.38 4.07 4.41
CA SER A 51 -5.47 5.33 3.70
C SER A 51 -6.61 5.38 2.70
N GLY A 52 -6.92 4.23 2.14
CA GLY A 52 -7.84 4.11 1.02
C GLY A 52 -9.30 4.16 1.41
N THR A 53 -9.59 4.31 2.71
CA THR A 53 -10.93 4.64 3.17
C THR A 53 -11.31 6.12 3.02
N TRP A 54 -10.35 6.95 2.60
CA TRP A 54 -10.59 8.37 2.55
C TRP A 54 -11.67 8.72 1.52
N ASP A 55 -12.44 9.75 1.82
CA ASP A 55 -13.42 10.32 0.91
C ASP A 55 -13.14 11.82 0.80
N LYS A 56 -12.73 12.27 -0.39
CA LYS A 56 -12.41 13.69 -0.60
C LYS A 56 -13.60 14.59 -0.38
N HIS A 57 -14.82 14.06 -0.49
CA HIS A 57 -16.00 14.92 -0.42
C HIS A 57 -16.30 15.46 0.95
N ASP A 58 -16.01 14.68 1.99
CA ASP A 58 -16.27 15.11 3.36
C ASP A 58 -15.10 14.89 4.31
N ASN A 59 -13.97 14.45 3.78
CA ASN A 59 -12.75 14.18 4.58
C ASN A 59 -12.96 13.18 5.70
N THR A 60 -13.84 12.22 5.47
CA THR A 60 -13.94 11.07 6.35
C THR A 60 -12.95 10.00 5.91
N GLY A 61 -12.63 9.09 6.82
CA GLY A 61 -11.66 8.06 6.54
C GLY A 61 -10.25 8.63 6.41
N GLY A 62 -9.36 7.86 5.78
CA GLY A 62 -7.97 8.25 5.61
C GLY A 62 -7.10 7.84 6.79
N SER A 63 -5.80 8.01 6.62
CA SER A 63 -4.84 7.50 7.61
C SER A 63 -4.79 8.26 8.92
N TYR A 64 -5.30 9.48 8.94
CA TYR A 64 -5.04 10.37 10.08
C TYR A 64 -5.38 9.76 11.43
N GLY A 65 -6.60 9.21 11.55
CA GLY A 65 -7.12 8.87 12.86
C GLY A 65 -6.72 7.52 13.40
N GLY A 66 -6.00 6.72 12.64
CA GLY A 66 -5.54 5.42 13.13
C GLY A 66 -6.64 4.44 13.44
N THR A 67 -7.77 4.57 12.76
CA THR A 67 -9.00 3.87 13.10
C THR A 67 -9.03 2.38 12.77
N TYR A 68 -8.07 1.88 12.01
CA TYR A 68 -7.94 0.45 11.81
C TYR A 68 -7.82 -0.31 13.15
N ARG A 69 -7.41 0.37 14.21
CA ARG A 69 -7.28 -0.28 15.51
C ARG A 69 -8.63 -0.65 16.12
N PHE A 70 -9.72 -0.13 15.56
CA PHE A 70 -11.07 -0.43 16.05
C PHE A 70 -11.70 -1.57 15.27
N LYS A 71 -12.46 -2.40 15.99
CA LYS A 71 -13.10 -3.60 15.46
C LYS A 71 -13.84 -3.44 14.13
N LYS A 72 -14.62 -2.38 13.98
CA LYS A 72 -15.40 -2.26 12.75
C LYS A 72 -14.47 -2.31 11.53
N GLU A 73 -13.38 -1.57 11.59
CA GLU A 73 -12.44 -1.49 10.47
C GLU A 73 -11.51 -2.72 10.38
N PHE A 74 -11.03 -3.16 11.54
CA PHE A 74 -10.16 -4.33 11.64
C PHE A 74 -10.88 -5.55 11.00
N ASN A 75 -12.19 -5.64 11.19
CA ASN A 75 -12.98 -6.78 10.70
C ASN A 75 -13.65 -6.56 9.35
N ASP A 76 -13.31 -5.46 8.69
CA ASP A 76 -13.81 -5.25 7.31
C ASP A 76 -13.37 -6.46 6.49
N PRO A 77 -14.32 -7.15 5.83
CA PRO A 77 -13.91 -8.23 4.90
C PRO A 77 -12.81 -7.81 3.92
N SER A 78 -12.80 -6.55 3.50
CA SER A 78 -11.79 -6.08 2.57
C SER A 78 -10.42 -6.09 3.19
N ASN A 79 -10.34 -6.16 4.53
CA ASN A 79 -9.08 -6.11 5.25
C ASN A 79 -8.63 -7.47 5.73
N ALA A 80 -9.25 -8.53 5.22
CA ALA A 80 -8.92 -9.87 5.66
C ALA A 80 -7.47 -10.15 5.33
N GLY A 81 -6.72 -10.58 6.34
CA GLY A 81 -5.31 -10.84 6.19
C GLY A 81 -4.41 -9.78 6.80
N LEU A 82 -4.92 -8.57 6.91
CA LEU A 82 -4.10 -7.46 7.39
C LEU A 82 -3.81 -7.54 8.87
N GLN A 83 -4.53 -8.40 9.57
CA GLN A 83 -4.29 -8.60 10.99
C GLN A 83 -2.86 -9.06 11.20
N ASN A 84 -2.27 -9.72 10.21
CA ASN A 84 -0.89 -10.18 10.31
C ASN A 84 0.06 -8.99 10.37
N GLY A 85 -0.26 -7.97 9.58
CA GLY A 85 0.53 -6.75 9.62
C GLY A 85 0.37 -6.01 10.92
N PHE A 86 -0.85 -5.94 11.42
CA PHE A 86 -1.08 -5.32 12.72
C PHE A 86 -0.31 -6.03 13.84
N LYS A 87 -0.31 -7.36 13.84
CA LYS A 87 0.43 -8.11 14.85
C LYS A 87 1.94 -7.91 14.73
N PHE A 88 2.44 -7.78 13.51
CA PHE A 88 3.85 -7.47 13.32
C PHE A 88 4.19 -6.11 13.97
N LEU A 89 3.31 -5.13 13.83
CA LEU A 89 3.61 -3.81 14.33
C LEU A 89 3.40 -3.65 15.83
N GLU A 90 2.68 -4.58 16.46
CA GLU A 90 2.33 -4.45 17.88
C GLU A 90 3.60 -4.32 18.75
N PRO A 91 4.59 -5.21 18.57
CA PRO A 91 5.79 -5.00 19.43
C PRO A 91 6.56 -3.72 19.12
N ILE A 92 6.44 -3.21 17.90
CA ILE A 92 7.09 -1.95 17.57
C ILE A 92 6.40 -0.83 18.35
N HIS A 93 5.08 -0.87 18.38
CA HIS A 93 4.33 0.13 19.10
C HIS A 93 4.63 0.06 20.59
N LYS A 94 4.81 -1.14 21.10
CA LYS A 94 5.07 -1.30 22.51
C LYS A 94 6.44 -0.71 22.87
N GLU A 95 7.40 -0.79 21.94
CA GLU A 95 8.72 -0.22 22.15
C GLU A 95 8.70 1.30 21.99
N PHE A 96 7.84 1.82 21.12
CA PHE A 96 7.78 3.24 20.86
C PHE A 96 6.35 3.74 21.00
N PRO A 97 5.80 3.69 22.21
CA PRO A 97 4.38 3.99 22.41
C PRO A 97 4.02 5.45 22.23
N TRP A 98 5.02 6.31 22.06
CA TRP A 98 4.80 7.72 21.77
C TRP A 98 4.23 7.97 20.38
N ILE A 99 4.41 7.03 19.44
CA ILE A 99 3.97 7.26 18.07
C ILE A 99 2.49 7.00 17.93
N SER A 100 1.82 7.83 17.12
CA SER A 100 0.39 7.64 16.89
C SER A 100 0.16 6.39 16.04
N SER A 101 -1.05 5.83 16.10
CA SER A 101 -1.34 4.63 15.31
C SER A 101 -1.28 4.89 13.81
N GLY A 102 -1.86 6.00 13.36
CA GLY A 102 -1.78 6.36 11.97
C GLY A 102 -0.37 6.55 11.46
N ASP A 103 0.45 7.20 12.29
CA ASP A 103 1.85 7.36 11.92
C ASP A 103 2.55 6.02 11.84
N LEU A 104 2.30 5.11 12.80
CA LEU A 104 2.94 3.81 12.75
C LEU A 104 2.50 3.00 11.51
N PHE A 105 1.18 2.96 11.25
CA PHE A 105 0.70 2.16 10.10
C PHE A 105 1.28 2.67 8.78
N SER A 106 1.30 3.98 8.62
CA SER A 106 1.82 4.56 7.40
C SER A 106 3.33 4.39 7.29
N LEU A 107 4.04 4.59 8.40
CA LEU A 107 5.47 4.42 8.42
C LEU A 107 5.84 2.95 8.12
N GLY A 108 5.02 1.99 8.56
CA GLY A 108 5.25 0.59 8.21
C GLY A 108 5.28 0.38 6.71
N GLY A 109 4.38 1.05 6.00
CA GLY A 109 4.37 0.89 4.56
C GLY A 109 5.57 1.50 3.89
N VAL A 110 5.95 2.71 4.34
CA VAL A 110 7.14 3.36 3.80
C VAL A 110 8.39 2.53 4.05
N THR A 111 8.53 2.01 5.26
CA THR A 111 9.68 1.22 5.59
C THR A 111 9.73 -0.03 4.73
N ALA A 112 8.60 -0.70 4.56
CA ALA A 112 8.57 -1.91 3.76
C ALA A 112 8.97 -1.63 2.30
N VAL A 113 8.40 -0.59 1.70
CA VAL A 113 8.78 -0.23 0.33
C VAL A 113 10.30 -0.04 0.22
N GLN A 114 10.85 0.75 1.14
CA GLN A 114 12.27 1.07 1.03
C GLN A 114 13.14 -0.14 1.27
N GLU A 115 12.80 -0.92 2.28
CA GLU A 115 13.62 -2.08 2.62
C GLU A 115 13.55 -3.15 1.54
N MET A 116 12.46 -3.19 0.78
CA MET A 116 12.34 -4.08 -0.39
C MET A 116 12.97 -3.50 -1.65
N GLN A 117 13.82 -2.49 -1.48
CA GLN A 117 14.63 -1.90 -2.55
C GLN A 117 13.78 -1.02 -3.47
N GLY A 118 12.65 -0.52 -2.97
CA GLY A 118 11.83 0.42 -3.69
C GLY A 118 12.35 1.83 -3.61
N PRO A 119 11.58 2.77 -4.13
CA PRO A 119 12.02 4.17 -4.06
C PRO A 119 11.97 4.70 -2.64
N LYS A 120 12.73 5.75 -2.38
N LYS A 120 12.74 5.75 -2.37
CA LYS A 120 12.51 6.52 -1.19
CA LYS A 120 12.52 6.52 -1.18
C LYS A 120 11.12 7.16 -1.23
C LYS A 120 11.13 7.17 -1.22
N ILE A 121 10.43 7.10 -0.10
CA ILE A 121 9.11 7.70 0.03
C ILE A 121 9.19 8.75 1.17
N PRO A 122 9.20 10.04 0.83
CA PRO A 122 9.17 11.03 1.91
C PRO A 122 7.94 10.80 2.78
N TRP A 123 8.08 11.05 4.07
CA TRP A 123 7.04 10.73 5.03
C TRP A 123 6.92 11.86 6.05
N ARG A 124 5.68 12.22 6.39
CA ARG A 124 5.43 13.27 7.35
C ARG A 124 4.74 12.68 8.56
N CYS A 125 5.10 13.21 9.72
CA CYS A 125 4.49 12.77 10.98
C CYS A 125 3.33 13.67 11.35
N GLY A 126 2.62 13.26 12.38
CA GLY A 126 1.61 14.12 12.96
C GLY A 126 0.17 13.65 12.88
N ARG A 127 -0.05 12.45 12.37
CA ARG A 127 -1.39 11.88 12.45
C ARG A 127 -1.76 11.71 13.95
N VAL A 128 -3.02 11.96 14.30
CA VAL A 128 -3.47 11.92 15.70
C VAL A 128 -4.60 10.94 15.85
N ASP A 129 -4.52 10.02 16.81
CA ASP A 129 -5.55 9.03 17.01
C ASP A 129 -6.87 9.71 17.30
N THR A 130 -7.92 9.31 16.60
CA THR A 130 -9.26 9.82 16.83
C THR A 130 -10.16 8.70 17.40
N PRO A 131 -11.30 9.05 17.99
CA PRO A 131 -12.12 8.08 18.72
C PRO A 131 -12.82 7.04 17.84
N GLU A 132 -13.37 6.02 18.48
CA GLU A 132 -13.99 4.91 17.77
C GLU A 132 -15.12 5.34 16.84
N ASP A 133 -15.87 6.35 17.23
CA ASP A 133 -17.00 6.80 16.39
C ASP A 133 -16.56 7.52 15.10
N THR A 134 -15.25 7.74 14.93
CA THR A 134 -14.74 8.30 13.66
C THR A 134 -14.31 7.21 12.65
N THR A 135 -14.49 5.95 13.02
CA THR A 135 -14.11 4.85 12.15
C THR A 135 -15.07 4.80 10.95
N PRO A 136 -14.52 4.77 9.73
CA PRO A 136 -15.39 4.72 8.55
C PRO A 136 -16.07 3.35 8.45
N ASP A 137 -17.29 3.33 7.95
CA ASP A 137 -17.95 2.06 7.63
C ASP A 137 -17.18 1.25 6.60
N ASN A 138 -17.34 -0.06 6.69
CA ASN A 138 -16.85 -0.99 5.67
C ASN A 138 -17.43 -0.64 4.31
N GLY A 139 -16.74 -1.04 3.26
CA GLY A 139 -17.24 -0.85 1.91
C GLY A 139 -16.59 0.23 1.09
N ARG A 140 -15.59 0.90 1.64
CA ARG A 140 -14.90 1.98 0.92
C ARG A 140 -13.69 1.56 0.11
N LEU A 141 -13.24 0.33 0.28
CA LEU A 141 -12.07 -0.19 -0.44
C LEU A 141 -12.56 -0.88 -1.71
N PRO A 142 -11.71 -0.97 -2.74
CA PRO A 142 -12.20 -1.34 -4.06
C PRO A 142 -12.42 -2.83 -4.27
N ASP A 143 -13.36 -3.15 -5.14
CA ASP A 143 -13.62 -4.51 -5.61
C ASP A 143 -12.60 -4.87 -6.69
N ALA A 144 -12.24 -6.15 -6.76
CA ALA A 144 -11.26 -6.65 -7.71
C ALA A 144 -11.86 -7.23 -8.99
N ASP A 145 -13.19 -7.43 -9.00
CA ASP A 145 -13.85 -8.13 -10.09
C ASP A 145 -14.34 -7.22 -11.22
N LYS A 146 -13.90 -5.99 -11.21
CA LYS A 146 -14.45 -4.92 -12.00
C LYS A 146 -13.51 -4.52 -13.14
N ASP A 147 -13.94 -3.53 -13.91
CA ASP A 147 -13.25 -3.10 -15.12
C ASP A 147 -12.60 -1.73 -14.97
N ALA A 148 -12.00 -1.25 -16.05
CA ALA A 148 -11.25 -0.01 -16.01
C ALA A 148 -12.09 1.20 -15.63
N GLY A 149 -13.32 1.26 -16.11
CA GLY A 149 -14.20 2.36 -15.75
C GLY A 149 -14.49 2.42 -14.26
N TYR A 150 -14.67 1.24 -13.67
CA TYR A 150 -14.81 1.16 -12.22
C TYR A 150 -13.57 1.67 -11.47
N VAL A 151 -12.40 1.23 -11.90
CA VAL A 151 -11.16 1.61 -11.26
C VAL A 151 -10.97 3.12 -11.33
N ARG A 152 -11.22 3.70 -12.52
CA ARG A 152 -11.04 5.14 -12.73
C ARG A 152 -11.98 5.93 -11.80
N THR A 153 -13.26 5.55 -11.79
CA THR A 153 -14.23 6.21 -10.94
C THR A 153 -13.92 6.06 -9.46
N PHE A 154 -13.53 4.86 -9.07
CA PHE A 154 -13.22 4.58 -7.68
C PHE A 154 -12.15 5.54 -7.18
N PHE A 155 -11.07 5.63 -7.93
CA PHE A 155 -9.91 6.40 -7.50
C PHE A 155 -10.13 7.90 -7.58
N GLN A 156 -11.15 8.37 -8.29
CA GLN A 156 -11.51 9.77 -8.21
C GLN A 156 -11.90 10.17 -6.78
N ARG A 157 -12.43 9.22 -6.00
CA ARG A 157 -12.83 9.53 -4.62
C ARG A 157 -11.60 9.82 -3.73
N LEU A 158 -10.44 9.31 -4.15
CA LEU A 158 -9.16 9.46 -3.46
C LEU A 158 -8.33 10.57 -4.12
N ASN A 159 -8.95 11.29 -5.04
CA ASN A 159 -8.29 12.36 -5.79
C ASN A 159 -7.06 11.88 -6.55
N MET A 160 -7.16 10.68 -7.15
CA MET A 160 -6.09 10.13 -7.96
C MET A 160 -6.49 10.13 -9.43
N ASN A 161 -5.54 10.51 -10.28
CA ASN A 161 -5.74 10.55 -11.73
C ASN A 161 -5.18 9.26 -12.37
N ASP A 162 -5.25 9.17 -13.69
N ASP A 162 -5.23 9.18 -13.69
CA ASP A 162 -4.86 7.92 -14.34
CA ASP A 162 -4.83 7.94 -14.35
C ASP A 162 -3.40 7.54 -14.06
C ASP A 162 -3.37 7.56 -14.06
N ARG A 163 -2.50 8.51 -14.13
N ARG A 163 -2.45 8.52 -14.13
CA ARG A 163 -1.08 8.23 -13.88
CA ARG A 163 -1.04 8.20 -13.89
C ARG A 163 -0.86 7.75 -12.45
C ARG A 163 -0.82 7.72 -12.47
N GLU A 164 -1.49 8.41 -11.51
N GLU A 164 -1.47 8.37 -11.52
CA GLU A 164 -1.37 8.01 -10.12
CA GLU A 164 -1.35 7.98 -10.13
C GLU A 164 -1.92 6.58 -9.85
C GLU A 164 -1.91 6.58 -9.86
N VAL A 165 -3.04 6.26 -10.49
CA VAL A 165 -3.65 4.94 -10.35
C VAL A 165 -2.71 3.87 -10.92
N VAL A 166 -2.25 4.07 -12.15
CA VAL A 166 -1.41 3.07 -12.75
C VAL A 166 -0.09 2.89 -11.95
N ALA A 167 0.49 3.98 -11.45
CA ALA A 167 1.69 3.90 -10.60
C ALA A 167 1.41 3.11 -9.34
N LEU A 168 0.34 3.46 -8.64
CA LEU A 168 0.04 2.77 -7.39
C LEU A 168 -0.15 1.28 -7.58
N MET A 169 -0.77 0.89 -8.68
CA MET A 169 -1.05 -0.51 -8.91
C MET A 169 0.21 -1.36 -9.10
N GLY A 170 1.34 -0.71 -9.39
CA GLY A 170 2.61 -1.40 -9.50
C GLY A 170 3.01 -2.11 -8.24
N ALA A 171 2.42 -1.72 -7.10
CA ALA A 171 2.61 -2.46 -5.88
C ALA A 171 2.16 -3.92 -5.96
N HIS A 172 1.35 -4.25 -6.95
CA HIS A 172 0.92 -5.63 -7.13
C HIS A 172 2.00 -6.54 -7.69
N ALA A 173 3.19 -6.03 -7.91
CA ALA A 173 4.36 -6.89 -8.06
C ALA A 173 4.71 -7.62 -6.76
N LEU A 174 4.24 -7.08 -5.64
CA LEU A 174 4.64 -7.58 -4.34
C LEU A 174 3.70 -8.62 -3.78
N GLY A 175 4.24 -9.56 -3.03
CA GLY A 175 3.43 -10.46 -2.24
C GLY A 175 2.68 -11.45 -3.10
N LYS A 176 1.45 -11.76 -2.69
CA LYS A 176 0.61 -12.71 -3.40
C LYS A 176 -0.82 -12.57 -2.92
N THR A 177 -1.74 -13.21 -3.63
CA THR A 177 -3.11 -13.29 -3.22
C THR A 177 -3.27 -14.59 -2.43
N HIS A 178 -4.28 -14.65 -1.58
CA HIS A 178 -4.53 -15.81 -0.75
C HIS A 178 -6.01 -16.13 -0.82
N LEU A 179 -6.37 -17.34 -1.26
CA LEU A 179 -7.76 -17.63 -1.51
C LEU A 179 -8.65 -17.38 -0.28
N LYS A 180 -8.17 -17.73 0.91
CA LYS A 180 -8.97 -17.56 2.11
C LYS A 180 -9.18 -16.09 2.51
N ASN A 181 -8.29 -15.21 2.06
CA ASN A 181 -8.43 -13.78 2.35
C ASN A 181 -9.40 -13.08 1.40
N SER A 182 -9.21 -13.31 0.09
CA SER A 182 -9.85 -12.46 -0.92
C SER A 182 -10.60 -13.22 -2.01
N GLY A 183 -10.50 -14.53 -2.03
CA GLY A 183 -11.10 -15.30 -3.13
C GLY A 183 -10.31 -15.29 -4.42
N TYR A 184 -9.02 -14.97 -4.35
CA TYR A 184 -8.10 -15.03 -5.50
C TYR A 184 -6.90 -15.87 -5.13
N GLU A 185 -6.32 -16.59 -6.08
CA GLU A 185 -5.12 -17.34 -5.73
C GLU A 185 -4.03 -17.30 -6.75
N GLY A 186 -2.79 -17.44 -6.30
CA GLY A 186 -1.70 -17.83 -7.21
C GLY A 186 -0.74 -16.72 -7.56
N GLY A 187 0.02 -16.95 -8.63
CA GLY A 187 0.97 -15.97 -9.12
C GLY A 187 2.36 -16.16 -8.54
N GLY A 188 2.53 -17.18 -7.71
CA GLY A 188 3.79 -17.29 -7.00
C GLY A 188 3.90 -16.07 -6.11
N ALA A 189 5.08 -15.45 -6.02
CA ALA A 189 5.30 -14.43 -5.00
C ALA A 189 6.60 -13.65 -5.18
N ASN A 190 6.74 -12.56 -4.44
CA ASN A 190 7.90 -11.67 -4.58
C ASN A 190 7.99 -10.66 -3.44
N ASN A 191 9.21 -10.34 -3.02
CA ASN A 191 9.43 -9.35 -1.96
C ASN A 191 10.49 -8.31 -2.32
N VAL A 192 10.71 -8.13 -3.62
CA VAL A 192 11.58 -7.06 -4.11
C VAL A 192 10.70 -6.11 -4.95
N PHE A 193 10.83 -4.82 -4.67
CA PHE A 193 10.06 -3.81 -5.34
C PHE A 193 10.67 -3.47 -6.68
N THR A 194 9.96 -3.76 -7.77
CA THR A 194 10.43 -3.51 -9.11
C THR A 194 9.26 -3.07 -9.96
N ASN A 195 9.51 -2.78 -11.25
CA ASN A 195 8.46 -2.51 -12.22
C ASN A 195 7.92 -3.75 -12.92
N GLU A 196 8.12 -4.92 -12.33
N GLU A 196 8.11 -4.92 -12.32
CA GLU A 196 7.76 -6.15 -13.01
CA GLU A 196 7.75 -6.15 -13.02
C GLU A 196 6.25 -6.29 -13.26
C GLU A 196 6.25 -6.40 -13.17
N PHE A 197 5.40 -5.67 -12.45
CA PHE A 197 3.94 -5.74 -12.70
C PHE A 197 3.62 -5.37 -14.13
N TYR A 198 4.26 -4.32 -14.63
CA TYR A 198 3.99 -3.79 -15.95
C TYR A 198 4.57 -4.68 -17.02
N LEU A 199 5.77 -5.19 -16.78
CA LEU A 199 6.41 -6.10 -17.72
C LEU A 199 5.57 -7.36 -17.84
N ASN A 200 5.04 -7.85 -16.73
CA ASN A 200 4.25 -9.08 -16.75
C ASN A 200 2.94 -8.88 -17.50
N LEU A 201 2.27 -7.77 -17.25
CA LEU A 201 1.08 -7.41 -18.00
C LEU A 201 1.32 -7.45 -19.49
N LEU A 202 2.42 -6.85 -19.95
CA LEU A 202 2.64 -6.73 -21.40
C LEU A 202 3.23 -7.97 -22.05
N ASN A 203 3.98 -8.77 -21.31
CA ASN A 203 4.80 -9.81 -21.92
C ASN A 203 4.29 -11.22 -21.71
N GLU A 204 3.47 -11.46 -20.71
CA GLU A 204 2.98 -12.81 -20.47
C GLU A 204 1.80 -13.15 -21.36
N ASP A 205 1.57 -14.45 -21.50
CA ASP A 205 0.46 -14.97 -22.28
C ASP A 205 -0.66 -15.27 -21.29
N TRP A 206 -1.69 -14.42 -21.28
CA TRP A 206 -2.72 -14.43 -20.28
C TRP A 206 -3.98 -15.15 -20.76
N LYS A 207 -4.58 -15.92 -19.86
CA LYS A 207 -5.85 -16.61 -20.11
C LYS A 207 -6.80 -16.37 -18.96
N LEU A 208 -8.01 -15.94 -19.29
CA LEU A 208 -9.03 -15.70 -18.27
C LEU A 208 -9.55 -17.06 -17.80
N GLU A 209 -9.55 -17.25 -16.49
CA GLU A 209 -10.00 -18.51 -15.90
C GLU A 209 -10.90 -18.23 -14.70
N LYS A 210 -11.56 -19.25 -14.21
CA LYS A 210 -12.37 -19.12 -12.99
C LYS A 210 -11.72 -19.95 -11.91
N ASN A 211 -11.41 -19.32 -10.79
CA ASN A 211 -10.68 -20.01 -9.72
C ASN A 211 -11.60 -20.84 -8.84
N ASP A 212 -11.02 -21.46 -7.82
CA ASP A 212 -11.77 -22.38 -6.97
C ASP A 212 -12.78 -21.69 -6.03
N ALA A 213 -12.73 -20.35 -5.97
CA ALA A 213 -13.73 -19.57 -5.25
C ALA A 213 -14.78 -19.00 -6.22
N ASN A 214 -14.76 -19.49 -7.45
N ASN A 214 -14.75 -19.50 -7.45
CA ASN A 214 -15.68 -19.07 -8.50
CA ASN A 214 -15.68 -19.08 -8.51
C ASN A 214 -15.51 -17.63 -8.99
C ASN A 214 -15.51 -17.64 -8.99
N ASN A 215 -14.33 -17.07 -8.75
CA ASN A 215 -14.03 -15.73 -9.25
C ASN A 215 -13.14 -15.76 -10.45
N GLU A 216 -13.36 -14.83 -11.36
CA GLU A 216 -12.51 -14.74 -12.54
C GLU A 216 -11.16 -14.08 -12.24
N GLN A 217 -10.12 -14.64 -12.83
CA GLN A 217 -8.81 -14.03 -12.78
C GLN A 217 -8.01 -14.44 -14.01
N TRP A 218 -7.02 -13.62 -14.35
CA TRP A 218 -6.18 -13.86 -15.51
C TRP A 218 -4.91 -14.60 -15.09
N ASP A 219 -4.64 -15.73 -15.73
CA ASP A 219 -3.52 -16.59 -15.37
C ASP A 219 -2.58 -16.76 -16.55
N SER A 220 -1.27 -16.73 -16.29
CA SER A 220 -0.32 -16.96 -17.40
C SER A 220 0.23 -18.34 -17.37
N LYS A 221 0.77 -18.77 -18.49
CA LYS A 221 1.35 -20.10 -18.56
C LYS A 221 2.49 -20.28 -17.58
N SER A 222 3.23 -19.19 -17.34
N SER A 222 3.23 -19.19 -17.34
CA SER A 222 4.37 -19.19 -16.42
CA SER A 222 4.37 -19.21 -16.44
C SER A 222 3.95 -19.22 -14.96
C SER A 222 3.96 -19.17 -14.97
N GLY A 223 2.66 -19.07 -14.70
CA GLY A 223 2.14 -19.16 -13.36
C GLY A 223 1.88 -17.85 -12.64
N TYR A 224 1.91 -16.73 -13.36
CA TYR A 224 1.56 -15.45 -12.76
C TYR A 224 0.03 -15.28 -12.81
N MET A 225 -0.47 -14.31 -12.06
N MET A 225 -0.47 -14.31 -12.05
CA MET A 225 -1.88 -13.96 -12.08
CA MET A 225 -1.87 -13.96 -12.09
C MET A 225 -2.13 -12.46 -12.01
C MET A 225 -2.10 -12.46 -12.04
N MET A 226 -3.24 -12.05 -12.57
CA MET A 226 -3.70 -10.68 -12.54
C MET A 226 -5.18 -10.68 -12.15
N LEU A 227 -5.54 -9.78 -11.26
CA LEU A 227 -6.96 -9.55 -10.96
C LEU A 227 -7.60 -8.91 -12.18
N PRO A 228 -8.93 -9.01 -12.33
CA PRO A 228 -9.59 -8.28 -13.42
C PRO A 228 -9.26 -6.79 -13.40
N THR A 229 -9.16 -6.19 -12.22
CA THR A 229 -8.82 -4.76 -12.16
C THR A 229 -7.38 -4.49 -12.57
N ASP A 230 -6.45 -5.42 -12.33
CA ASP A 230 -5.09 -5.31 -12.85
C ASP A 230 -5.09 -5.35 -14.37
N TYR A 231 -5.78 -6.35 -14.91
CA TYR A 231 -5.79 -6.56 -16.35
C TYR A 231 -6.48 -5.41 -17.05
N SER A 232 -7.40 -4.75 -16.39
CA SER A 232 -8.09 -3.61 -16.97
C SER A 232 -7.12 -2.49 -17.37
N LEU A 233 -5.94 -2.46 -16.76
CA LEU A 233 -4.94 -1.47 -17.11
C LEU A 233 -4.34 -1.65 -18.50
N ILE A 234 -4.48 -2.83 -19.11
CA ILE A 234 -4.10 -2.99 -20.53
C ILE A 234 -5.30 -3.09 -21.44
N GLN A 235 -6.50 -3.12 -20.89
CA GLN A 235 -7.70 -3.12 -21.73
C GLN A 235 -8.10 -1.70 -22.08
N ASP A 236 -7.83 -0.75 -21.21
CA ASP A 236 -8.19 0.64 -21.42
C ASP A 236 -7.03 1.36 -22.11
N PRO A 237 -7.30 2.13 -23.19
CA PRO A 237 -6.15 2.64 -23.95
C PRO A 237 -5.35 3.74 -23.22
N LYS A 238 -5.99 4.45 -22.30
CA LYS A 238 -5.27 5.48 -21.56
C LYS A 238 -4.37 4.83 -20.52
N TYR A 239 -4.88 3.84 -19.82
CA TYR A 239 -4.06 3.13 -18.86
C TYR A 239 -2.94 2.37 -19.58
N LEU A 240 -3.24 1.80 -20.75
CA LEU A 240 -2.22 1.01 -21.44
C LEU A 240 -0.97 1.83 -21.77
N SER A 241 -1.18 3.07 -22.20
CA SER A 241 -0.03 3.91 -22.55
C SER A 241 0.91 4.08 -21.33
N ILE A 242 0.30 4.23 -20.16
CA ILE A 242 1.08 4.48 -18.95
C ILE A 242 1.77 3.17 -18.49
N VAL A 243 1.07 2.05 -18.60
CA VAL A 243 1.71 0.75 -18.36
C VAL A 243 2.98 0.59 -19.19
N LYS A 244 2.87 0.91 -20.48
CA LYS A 244 4.02 0.83 -21.36
C LYS A 244 5.15 1.75 -20.93
N GLU A 245 4.80 2.95 -20.48
CA GLU A 245 5.79 3.89 -19.99
C GLU A 245 6.57 3.30 -18.81
N TYR A 246 5.85 2.78 -17.82
CA TYR A 246 6.52 2.24 -16.66
C TYR A 246 7.26 0.93 -16.93
N ALA A 247 6.76 0.12 -17.87
CA ALA A 247 7.46 -1.09 -18.26
C ALA A 247 8.81 -0.77 -18.89
N ASN A 248 8.95 0.44 -19.42
CA ASN A 248 10.14 0.85 -20.11
C ASN A 248 11.05 1.84 -19.41
N ASP A 249 10.68 2.20 -18.17
CA ASP A 249 11.43 3.20 -17.43
C ASP A 249 11.26 2.99 -15.93
N GLN A 250 12.14 2.17 -15.39
CA GLN A 250 12.12 1.83 -13.97
C GLN A 250 12.19 3.06 -13.09
N ASP A 251 13.07 3.99 -13.43
CA ASP A 251 13.24 5.18 -12.62
C ASP A 251 11.99 6.05 -12.60
N LYS A 252 11.36 6.19 -13.75
CA LYS A 252 10.11 6.97 -13.82
C LYS A 252 9.02 6.34 -12.98
N PHE A 253 8.88 5.01 -13.05
CA PHE A 253 7.95 4.32 -12.19
C PHE A 253 8.24 4.60 -10.72
N PHE A 254 9.50 4.46 -10.32
CA PHE A 254 9.86 4.68 -8.92
C PHE A 254 9.50 6.09 -8.47
N LYS A 255 9.80 7.09 -9.29
CA LYS A 255 9.51 8.48 -8.93
C LYS A 255 8.02 8.75 -8.84
N ASP A 256 7.27 8.23 -9.80
CA ASP A 256 5.82 8.42 -9.81
C ASP A 256 5.13 7.66 -8.67
N PHE A 257 5.59 6.45 -8.39
CA PHE A 257 5.04 5.67 -7.28
C PHE A 257 5.31 6.42 -5.99
N SER A 258 6.53 6.91 -5.80
CA SER A 258 6.85 7.59 -4.55
C SER A 258 5.91 8.78 -4.31
N LYS A 259 5.68 9.59 -5.33
CA LYS A 259 4.78 10.73 -5.19
C LYS A 259 3.36 10.31 -4.89
N ALA A 260 2.90 9.29 -5.60
CA ALA A 260 1.50 8.87 -5.44
C ALA A 260 1.27 8.20 -4.08
N PHE A 261 2.25 7.43 -3.64
CA PHE A 261 2.14 6.73 -2.37
C PHE A 261 2.20 7.71 -1.21
N GLU A 262 3.08 8.71 -1.29
CA GLU A 262 3.10 9.72 -0.24
C GLU A 262 1.75 10.46 -0.23
N LYS A 263 1.24 10.81 -1.39
CA LYS A 263 -0.06 11.48 -1.48
C LYS A 263 -1.18 10.66 -0.83
N LEU A 264 -1.23 9.37 -1.20
CA LEU A 264 -2.22 8.46 -0.66
C LEU A 264 -2.19 8.50 0.88
N LEU A 265 -0.99 8.40 1.45
CA LEU A 265 -0.80 8.31 2.89
C LEU A 265 -1.08 9.62 3.57
N GLU A 266 -1.09 10.73 2.83
CA GLU A 266 -1.29 12.05 3.41
C GLU A 266 -2.67 12.65 3.12
N ASN A 267 -3.45 12.01 2.27
CA ASN A 267 -4.76 12.52 1.94
C ASN A 267 -5.56 12.76 3.22
N GLY A 268 -6.22 13.90 3.29
CA GLY A 268 -7.08 14.26 4.41
C GLY A 268 -6.39 15.09 5.48
N ILE A 269 -5.07 15.21 5.41
CA ILE A 269 -4.29 15.85 6.48
C ILE A 269 -3.87 17.25 6.08
N THR A 270 -4.15 18.20 6.97
CA THR A 270 -3.69 19.56 6.82
C THR A 270 -2.40 19.72 7.59
N PHE A 271 -1.33 20.06 6.87
CA PHE A 271 -0.04 20.30 7.50
C PHE A 271 0.14 21.81 7.71
N PRO A 272 0.27 22.26 8.99
CA PRO A 272 0.53 23.68 9.27
C PRO A 272 1.74 24.22 8.50
N LYS A 273 1.82 25.52 8.27
CA LYS A 273 2.93 26.04 7.46
C LYS A 273 4.29 25.90 8.13
N ASP A 274 4.31 25.81 9.47
CA ASP A 274 5.55 25.61 10.20
C ASP A 274 5.81 24.15 10.58
N ALA A 275 5.06 23.22 9.98
CA ALA A 275 5.29 21.79 10.23
C ALA A 275 6.66 21.44 9.69
N PRO A 276 7.27 20.39 10.25
CA PRO A 276 8.56 19.96 9.70
C PRO A 276 8.42 19.54 8.23
N SER A 277 9.50 19.68 7.47
CA SER A 277 9.56 19.10 6.15
C SER A 277 9.42 17.58 6.18
N PRO A 278 9.01 16.97 5.05
CA PRO A 278 8.94 15.52 5.03
C PRO A 278 10.29 14.91 5.35
N PHE A 279 10.27 13.78 6.04
CA PHE A 279 11.46 13.04 6.34
C PHE A 279 11.75 12.02 5.25
N ILE A 280 13.04 11.84 4.96
CA ILE A 280 13.49 10.77 4.08
C ILE A 280 14.41 9.89 4.90
N PHE A 281 13.91 8.72 5.24
CA PHE A 281 14.62 7.77 6.09
C PHE A 281 15.68 7.01 5.33
N LYS A 282 16.82 6.82 5.97
CA LYS A 282 17.88 5.96 5.47
C LYS A 282 17.50 4.49 5.65
N THR A 283 17.83 3.66 4.66
CA THR A 283 17.64 2.23 4.82
C THR A 283 18.64 1.64 5.81
N LEU A 284 18.38 0.45 6.29
CA LEU A 284 19.38 -0.24 7.10
C LEU A 284 20.69 -0.36 6.34
N GLU A 285 20.60 -0.73 5.07
CA GLU A 285 21.80 -0.86 4.26
C GLU A 285 22.61 0.45 4.20
N GLU A 286 21.93 1.56 4.00
CA GLU A 286 22.58 2.87 3.95
C GLU A 286 23.24 3.25 5.27
N GLN A 287 22.73 2.73 6.38
CA GLN A 287 23.27 3.00 7.70
C GLN A 287 24.34 2.00 8.12
N GLY A 288 24.59 0.96 7.31
CA GLY A 288 25.52 -0.09 7.71
C GLY A 288 25.01 -1.00 8.79
N LEU A 289 23.70 -1.08 8.94
CA LEU A 289 23.08 -1.90 9.98
C LEU A 289 22.49 -3.18 9.40
#